data_8BG6
#
_entry.id   8BG6
#
_cell.length_a   1.00
_cell.length_b   1.00
_cell.length_c   1.00
_cell.angle_alpha   90.00
_cell.angle_beta   90.00
_cell.angle_gamma   90.00
#
_symmetry.space_group_name_H-M   'P 1'
#
loop_
_entity.id
_entity.type
_entity.pdbx_description
1 polymer 'pT1644 Fab heavy chain'
2 polymer 'pT1644 Fab light chain'
3 polymer 'Spike glycoprotein'
4 non-polymer 2-acetamido-2-deoxy-beta-D-glucopyranose
#
loop_
_entity_poly.entity_id
_entity_poly.type
_entity_poly.pdbx_seq_one_letter_code
_entity_poly.pdbx_strand_id
1 'polypeptide(L)'
;EVQLVESGGGLVQPGGSLRLSCAASEITVSSNYMNWVRQAPGKGLEWVSVIYPGGTTYYAESVKGRFAISRDNSKNTLYL
QMNSLRPEDTAVYYCARVMRHEIWGQGTLVTVSSASTKGPSVFPLAPSSKSTSGGTAALGCLVKDYFPEPVTVSWNSGAL
TSGVHTFPAVLQSSGLYSLSSVVTVPSSSLGTQTYICNVNHKPSNTKVDKRVEPKSCDKTDDDDK
;
A
2 'polypeptide(L)'
;DIQMTQSQSSLSASVGDRVTITCQASQDINNFLNWYQQKPGKAPKLLIYDASHLETGVPSRFSGSGSGTNFTFTISSLQP
EDIATYYCQHCDNPPYTFGQGTKLEIRRTVAAPSVFIFPPSDEQLKSGTASVVCLLNNFYPREAKVQWKVDNALQSGNSQ
ESVTEQDSKDSTYSLSSTLTLSKADYEKHKVYACEVTHQGLSSPVTKSFNRGEC
;
B
3 'polypeptide(L)'
;VNLTTRTQLPPAYTNSFTRGVYYPDKVFRSSVLHSTQDLFLPFFSNVTWFHAIHVSGTNGTKRFDNPVLPFNDGVYFAST
EKSNIIRGWIFGTTLDSKTQSLLIVNNATNVVIKVCEFQFCNDPFLGVYYHKNNKSWMESEFRVYSSANNCTFEYVSQPF
LMDLEGKQGNFKNLREFVFKNIDGYFKIYSKHTPINLVRDLPQGFSALEPLVDLPIGINITRFQTLLALHRSYLTPGDSS
SGWTAGAAAYYVGYLQPRTFLLKYNENGTITDAVDCALDPLSETKCTLKSFTVEKGIYQTSNFRVQPTESIVRFPNITNL
CPFGEVFNATRFASVYAWNRKRISNCVADYSVLYNSASFSTFKCYGVSPTKLNDLCFTNVYADSFVIRGDEVRQIAPGQT
GKIADYNYKLPDDFTGCVIAWNSNNLDSKVGGNYNYLYRLFRKSNLKPFERDISTEIYQAGSTPCNGVEGFNCYFPLQSY
GFQPTNGVGYQPYRVVVLSFELLHAPATVCGPKKSTNLVKNKCVNFNFNGLTGTGVLTESNKKFLPFQQFGRDIADTTDA
VRDPQTLEILDITPCSFGGVSVITPGTNTSNQVAVLYQDVNCTEVPVAIHADQLTPTWRVYSTGSNVFQTRAGCLIGAEH
VNNSYECDIPIGAGICASYQTQTNSPGSASSVASQSIIAYTMSLGAENSVAYSNNSIAIPTNFTISVTTEILPVSMTKTS
VDCTMYICGDSTECSNLLLQYGSFCTQLNRALTGIAVEQDKNTQEVFAQVKQIYKTPPIKDFGGFNFSQILPDPSKPSKR
SPIEDLLFNKVTLADAGFIKQYGDCLGDIAARDLICAQKFNGLTVLPPLLTDEMIAQYTSALLAGTITSGWTFGAGPALQ
IPFPMQMAYRFNGIGVTQNVLYENQKLIANQFNSAIGKIQDSLSSTPSALGKLQDVVNQNAQALNTLVKQLSSNFGAISS
VLNDILSRLDPPEAEVQIDRLITGRLQSLQTYVTQQLIRAAEIRASANLAATKMSECVLGQSKRVDFCGKGYHLMSFPQS
APHGVVFLHVTYVPAQEKNFTTAPAICHDGKAHFPREGVFVSNGTHWFVTQRNFYEPQIITTDNTFVSGNCDVVIGIVNN
TVYDPLQPELDSFKEELDKYFKNHTSPDVDLGDISGINASVVNIQKEIDRLNEVAKNLNESLIDLQELGKYEQGSGYIPE
APRDGQAYVRKDGEWVLLSTFLGRSLEVLFQGPGHHHHHHHHSAWSHPQFEKGGGSGGGGSGGSAWSHPQFEK
;
E
#
# COMPACT_ATOMS: atom_id res chain seq x y z
N GLN A 3 1.64 -13.17 -18.84
CA GLN A 3 0.40 -12.81 -19.58
C GLN A 3 -0.83 -13.25 -18.78
N LEU A 4 -2.00 -12.68 -19.09
CA LEU A 4 -3.26 -13.07 -18.40
C LEU A 4 -4.40 -13.17 -19.41
N VAL A 5 -5.54 -13.73 -19.01
CA VAL A 5 -6.68 -13.94 -19.91
C VAL A 5 -7.96 -13.87 -19.08
N GLU A 6 -8.98 -13.22 -19.66
CA GLU A 6 -10.30 -13.13 -18.97
C GLU A 6 -11.31 -13.93 -19.79
N SER A 7 -12.39 -14.39 -19.15
CA SER A 7 -13.45 -15.15 -19.87
C SER A 7 -14.73 -15.16 -19.03
N GLY A 8 -15.88 -15.40 -19.67
CA GLY A 8 -17.17 -15.42 -18.94
C GLY A 8 -17.96 -14.16 -19.22
N GLY A 9 -17.56 -13.41 -20.24
CA GLY A 9 -18.23 -12.14 -20.55
C GLY A 9 -19.58 -12.37 -21.23
N GLY A 10 -20.56 -11.50 -20.96
CA GLY A 10 -21.84 -11.63 -21.67
C GLY A 10 -22.97 -10.85 -21.05
N LEU A 11 -24.17 -11.41 -21.12
CA LEU A 11 -25.37 -10.79 -20.52
C LEU A 11 -25.90 -11.68 -19.39
N VAL A 12 -26.48 -11.09 -18.35
CA VAL A 12 -27.07 -11.87 -17.23
C VAL A 12 -28.28 -11.10 -16.71
N GLN A 13 -29.38 -11.78 -16.38
CA GLN A 13 -30.62 -11.08 -15.95
C GLN A 13 -30.39 -10.39 -14.59
N PRO A 14 -30.94 -9.17 -14.37
CA PRO A 14 -30.78 -8.46 -13.10
C PRO A 14 -31.01 -9.39 -11.90
N GLY A 15 -30.09 -9.37 -10.92
CA GLY A 15 -30.27 -10.18 -9.70
C GLY A 15 -29.49 -11.48 -9.75
N GLY A 16 -28.85 -11.76 -10.88
CA GLY A 16 -28.13 -13.01 -11.04
C GLY A 16 -26.75 -13.01 -10.39
N SER A 17 -25.95 -14.03 -10.72
CA SER A 17 -24.56 -14.10 -10.21
C SER A 17 -23.64 -14.60 -11.34
N LEU A 18 -22.32 -14.43 -11.19
CA LEU A 18 -21.38 -14.96 -12.21
C LEU A 18 -20.05 -15.30 -11.55
N ARG A 19 -19.20 -16.04 -12.26
CA ARG A 19 -17.83 -16.34 -11.74
C ARG A 19 -16.80 -15.98 -12.82
N LEU A 20 -16.34 -14.73 -12.83
CA LEU A 20 -15.33 -14.27 -13.78
C LEU A 20 -13.99 -14.92 -13.46
N SER A 21 -13.30 -15.37 -14.50
CA SER A 21 -12.05 -16.10 -14.37
C SER A 21 -10.92 -15.31 -15.01
N CYS A 22 -9.83 -15.13 -14.27
CA CYS A 22 -8.59 -14.51 -14.75
C CYS A 22 -7.50 -15.57 -14.67
N ALA A 23 -7.09 -16.07 -15.83
CA ALA A 23 -6.05 -17.09 -15.91
C ALA A 23 -4.70 -16.44 -16.13
N ALA A 24 -3.70 -16.85 -15.35
CA ALA A 24 -2.37 -16.27 -15.39
C ALA A 24 -1.36 -17.31 -15.84
N SER A 25 -0.39 -16.88 -16.65
CA SER A 25 0.67 -17.73 -17.16
C SER A 25 2.02 -17.05 -16.93
N GLU A 26 2.97 -17.81 -16.37
CA GLU A 26 4.33 -17.27 -16.08
C GLU A 26 4.30 -16.57 -14.72
N ILE A 27 3.11 -16.36 -14.17
CA ILE A 27 2.98 -15.63 -12.90
C ILE A 27 2.21 -16.49 -11.91
N THR A 28 2.80 -16.65 -10.73
CA THR A 28 2.18 -17.39 -9.64
C THR A 28 1.20 -16.48 -8.91
N VAL A 29 -0.09 -16.84 -8.94
CA VAL A 29 -1.14 -15.97 -8.34
C VAL A 29 -1.08 -16.06 -6.82
N SER A 30 -0.39 -17.07 -6.30
CA SER A 30 -0.36 -17.26 -4.84
C SER A 30 0.85 -16.51 -4.25
N SER A 31 1.38 -15.52 -4.96
CA SER A 31 2.60 -14.85 -4.44
C SER A 31 2.68 -13.37 -4.80
N ASN A 32 1.63 -12.83 -5.41
CA ASN A 32 1.62 -11.41 -5.76
C ASN A 32 0.31 -10.71 -5.42
N TYR A 33 0.40 -9.41 -5.17
CA TYR A 33 -0.79 -8.58 -5.04
C TYR A 33 -1.57 -8.61 -6.34
N MET A 34 -2.89 -8.79 -6.26
CA MET A 34 -3.73 -8.83 -7.44
C MET A 34 -4.81 -7.77 -7.34
N ASN A 35 -5.12 -7.13 -8.48
CA ASN A 35 -6.07 -6.03 -8.54
C ASN A 35 -7.15 -6.34 -9.56
N TRP A 36 -8.38 -5.96 -9.22
CA TRP A 36 -9.54 -6.09 -10.09
C TRP A 36 -10.12 -4.71 -10.28
N VAL A 37 -10.09 -4.20 -11.51
CA VAL A 37 -10.46 -2.82 -11.82
C VAL A 37 -11.53 -2.81 -12.89
N ARG A 38 -12.59 -2.02 -12.66
CA ARG A 38 -13.70 -1.96 -13.61
C ARG A 38 -13.75 -0.59 -14.29
N GLN A 39 -14.41 -0.58 -15.45
CA GLN A 39 -14.54 0.63 -16.26
C GLN A 39 -15.91 0.66 -16.90
N ALA A 40 -16.62 1.76 -16.72
CA ALA A 40 -17.89 1.98 -17.39
C ALA A 40 -17.63 2.20 -18.88
N PRO A 41 -18.65 2.07 -19.72
CA PRO A 41 -18.43 2.23 -21.17
C PRO A 41 -18.22 3.70 -21.48
N GLY A 42 -16.99 4.05 -21.84
CA GLY A 42 -16.64 5.40 -22.22
C GLY A 42 -16.30 6.33 -21.07
N LYS A 43 -16.42 5.88 -19.82
CA LYS A 43 -16.14 6.71 -18.66
C LYS A 43 -14.77 6.37 -18.08
N GLY A 44 -14.45 7.00 -16.96
CA GLY A 44 -13.16 6.82 -16.33
C GLY A 44 -13.07 5.54 -15.51
N LEU A 45 -11.83 5.16 -15.22
CA LEU A 45 -11.58 3.95 -14.46
C LEU A 45 -12.04 4.10 -13.01
N GLU A 46 -12.47 2.98 -12.43
CA GLU A 46 -12.85 2.94 -11.02
C GLU A 46 -12.27 1.68 -10.40
N TRP A 47 -11.91 1.77 -9.12
CA TRP A 47 -11.32 0.65 -8.40
C TRP A 47 -12.41 -0.28 -7.88
N VAL A 48 -12.12 -1.58 -7.85
CA VAL A 48 -13.09 -2.56 -7.39
C VAL A 48 -12.55 -3.40 -6.25
N SER A 49 -11.43 -4.09 -6.46
CA SER A 49 -10.96 -5.00 -5.40
C SER A 49 -9.46 -5.21 -5.49
N VAL A 50 -8.88 -5.62 -4.36
CA VAL A 50 -7.47 -6.01 -4.27
C VAL A 50 -7.36 -7.18 -3.32
N ILE A 51 -6.51 -8.15 -3.67
CA ILE A 51 -6.20 -9.27 -2.81
C ILE A 51 -4.69 -9.31 -2.57
N TYR A 52 -4.30 -9.37 -1.29
CA TYR A 52 -2.92 -9.43 -0.85
C TYR A 52 -2.37 -10.85 -0.97
N PRO A 53 -1.05 -11.01 -0.98
CA PRO A 53 -0.47 -12.36 -0.98
C PRO A 53 -0.88 -13.18 0.23
N GLY A 54 -1.05 -12.56 1.39
CA GLY A 54 -1.38 -13.26 2.61
C GLY A 54 -2.84 -13.65 2.77
N GLY A 55 -3.69 -13.30 1.81
CA GLY A 55 -5.09 -13.63 1.86
C GLY A 55 -6.01 -12.48 2.26
N THR A 56 -5.46 -11.39 2.76
CA THR A 56 -6.28 -10.22 3.07
C THR A 56 -6.85 -9.63 1.79
N THR A 57 -8.09 -9.14 1.87
CA THR A 57 -8.81 -8.66 0.70
C THR A 57 -9.52 -7.36 1.04
N TYR A 58 -9.47 -6.40 0.11
CA TYR A 58 -10.16 -5.13 0.26
C TYR A 58 -11.05 -4.88 -0.95
N TYR A 59 -12.25 -4.36 -0.68
CA TYR A 59 -13.22 -4.01 -1.71
C TYR A 59 -13.45 -2.51 -1.73
N ALA A 60 -14.10 -2.04 -2.78
CA ALA A 60 -14.42 -0.62 -2.89
C ALA A 60 -15.52 -0.24 -1.91
N GLU A 61 -15.57 1.05 -1.57
CA GLU A 61 -16.51 1.53 -0.56
C GLU A 61 -17.95 1.46 -1.06
N SER A 62 -18.21 1.76 -2.33
CA SER A 62 -19.57 1.80 -2.83
C SER A 62 -20.12 0.44 -3.22
N VAL A 63 -19.28 -0.59 -3.30
CA VAL A 63 -19.72 -1.90 -3.76
C VAL A 63 -19.41 -2.95 -2.70
N LYS A 64 -19.24 -2.51 -1.45
CA LYS A 64 -18.87 -3.41 -0.37
C LYS A 64 -20.01 -4.39 -0.09
N GLY A 65 -19.65 -5.66 0.09
CA GLY A 65 -20.59 -6.67 0.52
C GLY A 65 -21.40 -7.32 -0.58
N ARG A 66 -20.98 -7.24 -1.84
CA ARG A 66 -21.70 -7.87 -2.93
C ARG A 66 -20.86 -8.77 -3.82
N PHE A 67 -19.55 -8.56 -3.90
CA PHE A 67 -18.67 -9.40 -4.68
C PHE A 67 -17.64 -10.05 -3.78
N ALA A 68 -17.04 -11.13 -4.29
CA ALA A 68 -16.05 -11.89 -3.53
C ALA A 68 -14.94 -12.37 -4.45
N ILE A 69 -13.70 -12.06 -4.11
CA ILE A 69 -12.55 -12.47 -4.90
C ILE A 69 -11.85 -13.62 -4.20
N SER A 70 -11.32 -14.55 -4.99
CA SER A 70 -10.65 -15.72 -4.45
C SER A 70 -9.63 -16.22 -5.46
N ARG A 71 -8.77 -17.13 -5.00
CA ARG A 71 -7.68 -17.64 -5.82
C ARG A 71 -7.64 -19.16 -5.72
N ASP A 72 -7.20 -19.80 -6.81
CA ASP A 72 -7.08 -21.25 -6.87
C ASP A 72 -5.67 -21.55 -7.37
N ASN A 73 -4.92 -22.36 -6.61
CA ASN A 73 -3.55 -22.68 -6.98
C ASN A 73 -3.46 -23.90 -7.89
N SER A 74 -4.47 -24.77 -7.85
CA SER A 74 -4.44 -25.98 -8.68
C SER A 74 -4.40 -25.63 -10.15
N LYS A 75 -5.22 -24.66 -10.58
CA LYS A 75 -5.19 -24.17 -11.95
C LYS A 75 -4.47 -22.84 -12.09
N ASN A 76 -3.97 -22.27 -10.98
CA ASN A 76 -3.35 -20.92 -11.05
C ASN A 76 -4.27 -19.82 -11.55
N THR A 77 -5.47 -19.70 -10.99
CA THR A 77 -6.47 -18.77 -11.50
C THR A 77 -7.01 -17.86 -10.40
N LEU A 78 -7.57 -16.72 -10.83
CA LEU A 78 -8.27 -15.80 -9.96
C LEU A 78 -9.75 -15.83 -10.32
N TYR A 79 -10.61 -15.88 -9.30
CA TYR A 79 -12.05 -16.00 -9.52
C TYR A 79 -12.76 -14.86 -8.81
N LEU A 80 -13.78 -14.28 -9.44
CA LEU A 80 -14.58 -13.23 -8.77
C LEU A 80 -16.06 -13.57 -8.85
N GLN A 81 -16.76 -13.64 -7.71
CA GLN A 81 -18.19 -14.04 -7.77
C GLN A 81 -19.08 -12.87 -7.34
N MET A 82 -19.85 -12.33 -8.29
CA MET A 82 -20.74 -11.19 -7.99
C MET A 82 -22.09 -11.73 -7.53
N ASN A 83 -22.61 -11.22 -6.41
CA ASN A 83 -23.94 -11.65 -5.91
C ASN A 83 -24.81 -10.40 -5.72
N SER A 84 -26.09 -10.48 -6.10
CA SER A 84 -27.02 -9.33 -5.91
C SER A 84 -26.56 -8.14 -6.74
N LEU A 85 -26.60 -8.27 -8.07
CA LEU A 85 -26.16 -7.18 -8.96
C LEU A 85 -27.26 -6.12 -9.10
N ARG A 86 -27.05 -5.13 -9.96
CA ARG A 86 -28.07 -4.10 -10.22
C ARG A 86 -27.92 -3.70 -11.70
N PRO A 87 -28.70 -2.76 -12.26
CA PRO A 87 -28.60 -2.44 -13.68
C PRO A 87 -27.30 -1.69 -14.01
N GLU A 88 -26.89 -0.76 -13.15
CA GLU A 88 -25.67 0.07 -13.42
C GLU A 88 -24.41 -0.77 -13.18
N ASP A 89 -24.57 -2.03 -12.76
CA ASP A 89 -23.39 -2.88 -12.45
C ASP A 89 -22.62 -3.22 -13.74
N THR A 90 -23.27 -3.08 -14.89
CA THR A 90 -22.62 -3.41 -16.19
C THR A 90 -21.39 -2.53 -16.39
N ALA A 91 -20.27 -3.13 -16.84
CA ALA A 91 -19.02 -2.37 -17.07
C ALA A 91 -17.95 -3.34 -17.59
N VAL A 92 -16.80 -2.83 -18.05
CA VAL A 92 -15.71 -3.76 -18.48
C VAL A 92 -14.72 -3.90 -17.31
N TYR A 93 -14.54 -5.13 -16.81
CA TYR A 93 -13.63 -5.36 -15.66
C TYR A 93 -12.27 -5.87 -16.18
N TYR A 94 -11.26 -5.87 -15.32
CA TYR A 94 -9.89 -6.30 -15.74
C TYR A 94 -9.22 -7.06 -14.60
N CYS A 95 -8.04 -7.64 -14.86
CA CYS A 95 -7.32 -8.37 -13.82
C CYS A 95 -5.83 -8.04 -13.98
N ALA A 96 -5.25 -7.36 -12.99
CA ALA A 96 -3.92 -6.81 -13.14
C ALA A 96 -3.05 -7.19 -11.95
N ARG A 97 -1.74 -6.98 -12.13
CA ARG A 97 -0.76 -7.21 -11.05
C ARG A 97 -0.26 -5.84 -10.58
N VAL A 98 -0.04 -5.65 -9.28
CA VAL A 98 0.33 -4.36 -8.69
C VAL A 98 1.57 -4.54 -7.82
N MET A 99 2.28 -3.42 -7.61
CA MET A 99 3.39 -3.24 -6.69
C MET A 99 4.72 -3.72 -7.24
N ARG A 100 4.72 -4.37 -8.40
CA ARG A 100 5.94 -4.52 -9.18
C ARG A 100 5.65 -4.96 -10.61
N HIS A 101 6.01 -4.13 -11.59
CA HIS A 101 5.88 -4.45 -13.01
C HIS A 101 4.44 -4.74 -13.42
N GLU A 102 3.59 -3.72 -13.41
CA GLU A 102 2.20 -3.87 -13.81
C GLU A 102 2.09 -4.40 -15.24
N ILE A 103 1.21 -5.42 -15.33
CA ILE A 103 0.83 -6.09 -16.61
C ILE A 103 -0.69 -6.24 -16.52
N TRP A 104 -1.48 -5.64 -17.40
CA TRP A 104 -2.95 -5.54 -17.39
C TRP A 104 -3.54 -6.44 -18.48
N GLY A 105 -4.47 -7.32 -18.12
CA GLY A 105 -5.04 -8.29 -19.07
C GLY A 105 -6.11 -7.77 -19.98
N GLN A 106 -6.35 -8.46 -21.09
CA GLN A 106 -7.06 -7.90 -22.26
C GLN A 106 -8.43 -7.36 -21.87
N GLY A 107 -9.22 -8.13 -21.13
CA GLY A 107 -10.48 -7.54 -20.65
C GLY A 107 -11.74 -8.28 -21.01
N THR A 108 -12.70 -8.31 -20.08
CA THR A 108 -14.01 -8.94 -20.36
C THR A 108 -15.13 -7.92 -20.22
N LEU A 109 -16.29 -8.16 -20.80
CA LEU A 109 -17.46 -7.29 -20.79
C LEU A 109 -18.62 -8.01 -20.09
N VAL A 110 -19.21 -7.33 -19.11
CA VAL A 110 -20.36 -7.88 -18.39
C VAL A 110 -21.52 -6.90 -18.49
N THR A 111 -22.65 -7.35 -19.02
CA THR A 111 -23.81 -6.49 -19.19
C THR A 111 -25.07 -7.15 -18.62
N VAL A 112 -26.03 -6.31 -18.25
CA VAL A 112 -27.28 -6.80 -17.67
C VAL A 112 -28.30 -7.07 -18.78
N ILE B 2 -9.57 12.06 0.35
CA ILE B 2 -8.65 12.23 -0.77
C ILE B 2 -9.42 12.20 -2.07
N GLN B 3 -9.39 13.32 -2.81
CA GLN B 3 -10.14 13.48 -4.05
C GLN B 3 -9.19 14.03 -5.12
N MET B 4 -8.58 13.11 -5.87
CA MET B 4 -7.72 13.52 -6.98
C MET B 4 -8.55 14.23 -8.05
N THR B 5 -7.95 15.23 -8.71
CA THR B 5 -8.68 16.05 -9.66
C THR B 5 -7.76 16.47 -10.79
N GLN B 6 -8.32 16.58 -11.99
CA GLN B 6 -7.65 17.17 -13.14
C GLN B 6 -8.53 18.30 -13.65
N SER B 7 -8.08 19.54 -13.44
CA SER B 7 -8.89 20.70 -13.84
C SER B 7 -9.12 20.73 -15.34
N GLN B 8 -8.07 20.47 -16.13
CA GLN B 8 -8.20 20.45 -17.57
C GLN B 8 -8.76 19.12 -18.05
N SER B 9 -9.32 19.12 -19.26
CA SER B 9 -9.85 17.89 -19.83
C SER B 9 -9.47 17.66 -21.28
N SER B 10 -8.85 18.64 -21.97
CA SER B 10 -8.45 18.46 -23.35
C SER B 10 -7.40 19.50 -23.74
N LEU B 11 -6.22 19.04 -24.13
CA LEU B 11 -5.14 19.93 -24.57
C LEU B 11 -4.66 19.47 -25.94
N SER B 12 -4.55 20.41 -26.87
CA SER B 12 -4.07 20.14 -28.21
C SER B 12 -2.76 20.88 -28.47
N ALA B 13 -1.94 20.30 -29.34
CA ALA B 13 -0.66 20.89 -29.70
C ALA B 13 -0.22 20.30 -31.03
N SER B 14 0.96 20.71 -31.48
CA SER B 14 1.53 20.26 -32.73
C SER B 14 2.61 19.22 -32.49
N VAL B 15 3.09 18.62 -33.58
CA VAL B 15 4.14 17.62 -33.48
C VAL B 15 5.45 18.29 -33.11
N GLY B 16 6.15 17.73 -32.12
CA GLY B 16 7.39 18.28 -31.63
C GLY B 16 7.25 19.34 -30.56
N ASP B 17 6.02 19.65 -30.13
CA ASP B 17 5.80 20.63 -29.08
C ASP B 17 5.99 19.97 -27.71
N ARG B 18 6.15 20.83 -26.69
CA ARG B 18 6.23 20.37 -25.31
C ARG B 18 4.87 20.56 -24.65
N VAL B 19 4.35 19.50 -24.03
CA VAL B 19 3.01 19.51 -23.46
C VAL B 19 3.09 19.11 -21.99
N THR B 20 2.37 19.84 -21.15
CA THR B 20 2.34 19.57 -19.71
C THR B 20 0.91 19.31 -19.27
N ILE B 21 0.76 18.45 -18.26
CA ILE B 21 -0.52 18.10 -17.68
C ILE B 21 -0.38 18.16 -16.17
N THR B 22 -1.39 18.74 -15.51
CA THR B 22 -1.37 18.94 -14.07
C THR B 22 -2.43 18.08 -13.40
N CYS B 23 -2.05 17.46 -12.28
CA CYS B 23 -2.96 16.66 -11.48
C CYS B 23 -2.85 17.13 -10.04
N GLN B 24 -3.99 17.49 -9.44
CA GLN B 24 -4.04 18.01 -8.08
C GLN B 24 -4.64 16.97 -7.15
N ALA B 25 -4.22 17.02 -5.89
CA ALA B 25 -4.70 16.07 -4.89
C ALA B 25 -5.15 16.84 -3.65
N SER B 26 -6.33 16.50 -3.15
CA SER B 26 -6.81 17.07 -1.90
C SER B 26 -6.11 16.40 -0.71
N GLN B 27 -6.10 17.10 0.41
CA GLN B 27 -5.23 16.75 1.55
C GLN B 27 -3.80 16.64 1.00
N ASP B 28 -3.02 15.64 1.43
CA ASP B 28 -1.62 15.57 1.02
C ASP B 28 -1.22 14.12 0.78
N ILE B 29 -0.57 13.88 -0.35
CA ILE B 29 0.08 12.59 -0.63
C ILE B 29 1.55 12.87 -0.91
N ASN B 30 2.42 12.35 -0.03
CA ASN B 30 3.82 12.77 0.00
C ASN B 30 4.52 12.53 -1.34
N ASN B 31 4.70 11.27 -1.73
CA ASN B 31 5.27 10.95 -3.04
C ASN B 31 4.59 9.72 -3.62
N PHE B 32 3.28 9.62 -3.47
CA PHE B 32 2.51 8.44 -3.88
C PHE B 32 1.52 8.83 -4.96
N LEU B 33 1.86 8.51 -6.20
CA LEU B 33 1.01 8.79 -7.36
C LEU B 33 1.61 8.09 -8.56
N ASN B 34 0.74 7.57 -9.43
CA ASN B 34 1.16 6.86 -10.64
C ASN B 34 0.45 7.45 -11.84
N TRP B 35 1.17 7.53 -12.96
CA TRP B 35 0.62 8.09 -14.20
C TRP B 35 0.34 6.94 -15.17
N TYR B 36 -0.94 6.76 -15.51
CA TYR B 36 -1.38 5.72 -16.41
C TYR B 36 -1.74 6.29 -17.77
N GLN B 37 -1.38 5.55 -18.82
CA GLN B 37 -1.68 5.91 -20.20
C GLN B 37 -2.61 4.86 -20.79
N GLN B 38 -3.59 5.32 -21.57
CA GLN B 38 -4.58 4.43 -22.17
C GLN B 38 -4.82 4.84 -23.61
N LYS B 39 -4.55 3.92 -24.53
CA LYS B 39 -4.83 4.13 -25.94
C LYS B 39 -6.27 3.78 -26.25
N PRO B 40 -6.84 4.31 -27.34
CA PRO B 40 -8.26 4.04 -27.64
C PRO B 40 -8.47 2.59 -28.01
N GLY B 41 -9.25 1.88 -27.19
CA GLY B 41 -9.61 0.50 -27.47
C GLY B 41 -8.62 -0.54 -27.00
N LYS B 42 -7.68 -0.18 -26.13
CA LYS B 42 -6.66 -1.11 -25.65
C LYS B 42 -6.70 -1.15 -24.12
N ALA B 43 -5.75 -1.86 -23.55
CA ALA B 43 -5.58 -1.98 -22.10
C ALA B 43 -4.55 -0.98 -21.60
N PRO B 44 -4.86 -0.21 -20.56
CA PRO B 44 -3.92 0.82 -20.09
C PRO B 44 -2.61 0.21 -19.63
N LYS B 45 -1.52 0.95 -19.83
CA LYS B 45 -0.19 0.54 -19.45
C LYS B 45 0.44 1.59 -18.54
N LEU B 46 1.11 1.13 -17.49
CA LEU B 46 1.76 2.02 -16.55
C LEU B 46 2.93 2.74 -17.21
N LEU B 47 3.06 4.03 -16.89
CA LEU B 47 4.12 4.86 -17.45
C LEU B 47 5.12 5.31 -16.38
N ILE B 48 4.65 5.97 -15.32
CA ILE B 48 5.52 6.46 -14.26
C ILE B 48 4.94 6.03 -12.92
N TYR B 49 5.80 5.46 -12.06
CA TYR B 49 5.43 5.09 -10.71
C TYR B 49 6.23 5.93 -9.73
N ASP B 50 5.59 6.27 -8.61
CA ASP B 50 6.13 7.13 -7.56
C ASP B 50 6.46 8.53 -8.04
N ALA B 51 5.88 8.97 -9.16
CA ALA B 51 5.87 10.35 -9.67
C ALA B 51 7.25 10.87 -10.06
N SER B 52 8.32 10.10 -9.90
CA SER B 52 9.65 10.57 -10.29
C SER B 52 10.48 9.53 -11.01
N HIS B 53 10.28 8.24 -10.75
CA HIS B 53 11.08 7.19 -11.38
C HIS B 53 10.41 6.73 -12.67
N LEU B 54 11.24 6.51 -13.70
CA LEU B 54 10.74 6.13 -15.01
C LEU B 54 10.75 4.62 -15.16
N GLU B 55 9.73 4.10 -15.84
CA GLU B 55 9.63 2.67 -16.10
C GLU B 55 10.53 2.29 -17.27
N THR B 56 10.84 0.99 -17.35
CA THR B 56 11.68 0.50 -18.44
C THR B 56 10.84 0.23 -19.67
N GLY B 57 11.30 0.73 -20.83
CA GLY B 57 10.64 0.56 -22.10
C GLY B 57 10.12 1.85 -22.70
N VAL B 58 9.54 2.72 -21.87
CA VAL B 58 9.05 4.01 -22.36
C VAL B 58 10.24 4.90 -22.72
N PRO B 59 10.17 5.67 -23.81
CA PRO B 59 11.28 6.59 -24.14
C PRO B 59 11.49 7.63 -23.05
N SER B 60 12.73 8.08 -22.94
CA SER B 60 13.12 9.02 -21.88
C SER B 60 12.51 10.40 -22.03
N ARG B 61 11.90 10.71 -23.18
CA ARG B 61 11.32 12.04 -23.38
C ARG B 61 10.12 12.30 -22.48
N PHE B 62 9.55 11.27 -21.86
CA PHE B 62 8.46 11.44 -20.91
C PHE B 62 9.03 11.68 -19.51
N SER B 63 8.45 12.62 -18.79
CA SER B 63 8.97 12.94 -17.47
C SER B 63 7.84 13.30 -16.54
N GLY B 64 8.09 13.18 -15.23
CA GLY B 64 7.14 13.58 -14.23
C GLY B 64 7.83 14.34 -13.12
N SER B 65 7.08 15.25 -12.50
CA SER B 65 7.62 16.09 -11.44
C SER B 65 6.48 16.51 -10.52
N GLY B 66 6.83 17.28 -9.51
CA GLY B 66 5.87 17.77 -8.54
C GLY B 66 5.90 16.99 -7.25
N SER B 67 5.15 17.50 -6.27
CA SER B 67 5.17 16.95 -4.92
C SER B 67 4.13 17.69 -4.10
N GLY B 68 3.83 17.14 -2.93
CA GLY B 68 2.86 17.75 -2.05
C GLY B 68 1.45 17.69 -2.60
N THR B 69 0.94 18.83 -3.06
CA THR B 69 -0.41 18.93 -3.60
C THR B 69 -0.49 18.75 -5.10
N ASN B 70 0.45 19.32 -5.86
CA ASN B 70 0.38 19.34 -7.31
C ASN B 70 1.45 18.44 -7.90
N PHE B 71 1.10 17.75 -8.99
CA PHE B 71 2.05 16.97 -9.76
C PHE B 71 1.87 17.28 -11.25
N THR B 72 2.94 17.09 -12.02
CA THR B 72 2.95 17.46 -13.42
C THR B 72 3.58 16.35 -14.24
N PHE B 73 3.04 16.19 -15.46
CA PHE B 73 3.52 15.22 -16.44
C PHE B 73 3.91 15.98 -17.70
N THR B 74 5.14 15.76 -18.17
CA THR B 74 5.73 16.57 -19.23
C THR B 74 6.18 15.69 -20.38
N ILE B 75 5.79 16.07 -21.59
CA ILE B 75 6.28 15.46 -22.83
C ILE B 75 7.10 16.52 -23.55
N SER B 76 8.35 16.18 -23.87
CA SER B 76 9.23 17.16 -24.52
C SER B 76 8.92 17.30 -26.00
N SER B 77 8.96 16.19 -26.75
CA SER B 77 8.72 16.19 -28.18
C SER B 77 7.48 15.34 -28.47
N LEU B 78 6.44 15.98 -28.99
CA LEU B 78 5.22 15.24 -29.31
C LEU B 78 5.43 14.37 -30.54
N GLN B 79 4.65 13.30 -30.62
CA GLN B 79 4.77 12.36 -31.73
C GLN B 79 3.40 12.15 -32.39
N PRO B 80 3.37 11.86 -33.69
CA PRO B 80 2.08 11.69 -34.37
C PRO B 80 1.26 10.52 -33.86
N GLU B 81 1.89 9.51 -33.26
CA GLU B 81 1.20 8.32 -32.79
C GLU B 81 1.07 8.28 -31.27
N ASP B 82 0.79 9.42 -30.64
CA ASP B 82 0.69 9.51 -29.19
C ASP B 82 -0.63 10.12 -28.73
N ILE B 83 -1.71 9.89 -29.46
CA ILE B 83 -3.03 10.33 -29.03
C ILE B 83 -3.61 9.29 -28.08
N ALA B 84 -3.96 9.73 -26.87
CA ALA B 84 -4.38 8.80 -25.82
C ALA B 84 -5.05 9.59 -24.70
N THR B 85 -5.38 8.88 -23.62
CA THR B 85 -5.95 9.46 -22.41
C THR B 85 -5.06 9.12 -21.23
N TYR B 86 -4.79 10.11 -20.39
CA TYR B 86 -3.88 9.95 -19.25
C TYR B 86 -4.63 10.13 -17.95
N TYR B 87 -4.26 9.33 -16.95
CA TYR B 87 -4.89 9.32 -15.64
C TYR B 87 -3.82 9.40 -14.56
N CYS B 88 -4.16 9.98 -13.42
CA CYS B 88 -3.31 9.98 -12.24
C CYS B 88 -4.01 9.23 -11.12
N GLN B 89 -3.31 8.28 -10.51
CA GLN B 89 -3.91 7.38 -9.52
C GLN B 89 -3.14 7.46 -8.21
N HIS B 90 -3.86 7.59 -7.11
CA HIS B 90 -3.29 7.47 -5.78
C HIS B 90 -3.15 6.00 -5.42
N CYS B 91 -1.95 5.62 -4.96
CA CYS B 91 -1.65 4.20 -4.77
C CYS B 91 -0.84 3.96 -3.50
N ASP B 92 -1.15 4.73 -2.46
CA ASP B 92 -0.41 4.56 -1.19
C ASP B 92 -1.04 3.41 -0.42
N ASN B 93 -2.24 3.65 0.06
CA ASN B 93 -2.95 2.61 0.86
C ASN B 93 -4.43 2.56 0.46
N PRO B 94 -5.05 1.37 0.38
CA PRO B 94 -6.43 1.24 -0.06
C PRO B 94 -7.34 2.18 0.71
N PRO B 95 -8.35 2.77 0.07
CA PRO B 95 -8.72 2.63 -1.35
C PRO B 95 -7.83 3.43 -2.30
N TYR B 96 -7.79 3.03 -3.58
CA TYR B 96 -7.01 3.76 -4.61
C TYR B 96 -8.00 4.48 -5.53
N THR B 97 -8.04 5.80 -5.51
CA THR B 97 -8.98 6.60 -6.27
C THR B 97 -8.30 7.13 -7.53
N PHE B 98 -8.91 6.87 -8.68
CA PHE B 98 -8.40 7.37 -9.95
C PHE B 98 -8.85 8.80 -10.18
N GLY B 99 -8.38 9.39 -11.27
CA GLY B 99 -8.74 10.74 -11.66
C GLY B 99 -9.84 10.76 -12.70
N GLN B 100 -9.93 11.88 -13.41
CA GLN B 100 -10.92 12.07 -14.48
C GLN B 100 -10.39 11.72 -15.85
N GLY B 101 -9.13 11.99 -16.13
CA GLY B 101 -8.52 11.66 -17.40
C GLY B 101 -8.44 12.87 -18.33
N THR B 102 -7.33 12.92 -19.07
CA THR B 102 -7.09 13.99 -20.04
C THR B 102 -6.80 13.37 -21.40
N LYS B 103 -7.49 13.85 -22.42
CA LYS B 103 -7.36 13.33 -23.77
C LYS B 103 -6.48 14.26 -24.60
N LEU B 104 -5.46 13.70 -25.25
CA LEU B 104 -4.53 14.52 -26.04
C LEU B 104 -4.94 14.50 -27.52
N GLU B 105 -4.92 15.66 -28.17
CA GLU B 105 -5.31 15.84 -29.57
C GLU B 105 -4.15 16.46 -30.33
N ILE B 106 -3.87 15.94 -31.52
CA ILE B 106 -2.80 16.45 -32.37
C ILE B 106 -3.43 17.30 -33.47
N ARG B 107 -2.70 18.30 -33.94
CA ARG B 107 -3.18 19.16 -35.01
C ARG B 107 -2.08 19.42 -36.05
N LEU C 320 15.35 0.57 41.36
CA LEU C 320 14.76 1.39 40.32
C LEU C 320 14.76 0.66 38.98
N CYS C 321 13.67 0.84 38.22
CA CYS C 321 13.53 0.14 36.92
C CYS C 321 14.46 0.80 35.88
N PRO C 322 14.74 0.14 34.74
CA PRO C 322 15.58 0.71 33.70
C PRO C 322 14.76 1.45 32.65
N PHE C 323 13.49 1.74 32.94
CA PHE C 323 12.62 2.38 31.93
C PHE C 323 13.39 3.53 31.26
N GLY C 324 14.06 4.36 32.06
CA GLY C 324 14.78 5.52 31.53
C GLY C 324 15.69 5.17 30.36
N GLU C 325 16.16 3.92 30.29
CA GLU C 325 17.12 3.55 29.25
C GLU C 325 16.43 3.33 27.91
N VAL C 326 15.31 2.60 27.91
CA VAL C 326 14.63 2.29 26.65
C VAL C 326 13.97 3.54 26.07
N PHE C 327 13.50 4.44 26.92
CA PHE C 327 12.80 5.63 26.46
C PHE C 327 13.73 6.74 25.99
N ASN C 328 15.04 6.56 26.16
CA ASN C 328 15.97 7.67 25.81
C ASN C 328 17.20 7.12 25.07
N ALA C 329 17.20 5.84 24.71
CA ALA C 329 18.36 5.25 24.05
C ALA C 329 18.69 5.99 22.77
N THR C 330 19.98 5.98 22.41
CA THR C 330 20.45 6.73 21.25
C THR C 330 20.21 6.01 19.93
N ARG C 331 19.86 4.72 19.96
CA ARG C 331 19.64 3.95 18.73
C ARG C 331 18.31 3.21 18.83
N PHE C 332 17.61 3.14 17.71
CA PHE C 332 16.32 2.44 17.63
C PHE C 332 16.31 1.56 16.40
N ALA C 333 15.95 0.29 16.59
CA ALA C 333 15.94 -0.67 15.49
C ALA C 333 14.75 -0.43 14.57
N SER C 334 14.89 -0.88 13.33
CA SER C 334 13.79 -0.80 12.38
C SER C 334 12.73 -1.83 12.72
N VAL C 335 11.66 -1.85 11.92
CA VAL C 335 10.49 -2.64 12.29
C VAL C 335 10.62 -4.12 11.92
N TYR C 336 11.47 -4.47 10.95
CA TYR C 336 11.58 -5.87 10.55
C TYR C 336 12.57 -6.65 11.41
N ALA C 337 13.32 -5.99 12.27
CA ALA C 337 14.25 -6.63 13.20
C ALA C 337 14.10 -6.02 14.58
N TRP C 338 12.86 -5.87 15.03
CA TRP C 338 12.60 -5.20 16.29
C TRP C 338 13.17 -5.99 17.46
N ASN C 339 13.83 -5.28 18.38
CA ASN C 339 14.40 -5.87 19.57
C ASN C 339 13.37 -5.89 20.69
N ARG C 340 13.62 -6.73 21.68
CA ARG C 340 12.77 -6.81 22.85
C ARG C 340 13.61 -6.93 24.10
N LYS C 341 13.10 -6.41 25.21
CA LYS C 341 13.78 -6.49 26.49
C LYS C 341 12.81 -7.03 27.54
N ARG C 342 13.34 -7.72 28.52
CA ARG C 342 12.57 -8.25 29.63
C ARG C 342 13.02 -7.54 30.90
N ILE C 343 12.05 -7.12 31.72
CA ILE C 343 12.34 -6.38 32.94
C ILE C 343 11.72 -7.11 34.12
N SER C 344 12.51 -7.27 35.19
CA SER C 344 12.03 -7.92 36.39
C SER C 344 12.77 -7.36 37.60
N ASN C 345 12.16 -7.52 38.77
CA ASN C 345 12.72 -7.08 40.05
C ASN C 345 13.01 -5.57 40.03
N CYS C 346 11.93 -4.80 39.89
CA CYS C 346 12.01 -3.35 39.92
C CYS C 346 10.70 -2.79 40.44
N VAL C 347 10.72 -1.51 40.84
CA VAL C 347 9.46 -0.85 41.27
C VAL C 347 8.97 0.04 40.13
N ALA C 348 7.91 -0.38 39.42
CA ALA C 348 7.41 0.39 38.26
C ALA C 348 6.98 1.79 38.71
N ASP C 349 7.09 2.78 37.82
CA ASP C 349 6.69 4.18 38.15
C ASP C 349 5.88 4.74 36.99
N TYR C 350 4.78 4.06 36.64
CA TYR C 350 3.98 4.49 35.45
C TYR C 350 3.55 5.95 35.64
N SER C 351 3.62 6.46 36.87
CA SER C 351 3.17 7.84 37.15
C SER C 351 3.96 8.84 36.30
N VAL C 352 5.29 8.83 36.41
CA VAL C 352 6.09 9.81 35.68
C VAL C 352 5.75 9.82 34.20
N LEU C 353 5.33 8.67 33.65
CA LEU C 353 4.89 8.59 32.27
C LEU C 353 3.37 8.70 32.15
N TYR C 354 2.67 8.89 33.26
CA TYR C 354 1.22 9.07 33.25
C TYR C 354 0.81 10.52 33.07
N ASN C 355 1.75 11.46 33.07
CA ASN C 355 1.44 12.87 32.90
C ASN C 355 2.28 13.58 31.85
N SER C 356 3.32 12.96 31.32
CA SER C 356 4.15 13.59 30.30
C SER C 356 3.34 13.90 29.05
N ALA C 357 3.51 15.11 28.53
CA ALA C 357 2.80 15.55 27.34
C ALA C 357 3.54 15.24 26.05
N SER C 358 4.75 14.69 26.13
CA SER C 358 5.48 14.32 24.92
C SER C 358 4.74 13.24 24.13
N PHE C 359 4.22 12.24 24.82
CA PHE C 359 3.51 11.17 24.15
C PHE C 359 2.21 11.68 23.53
N SER C 360 1.93 11.25 22.31
CA SER C 360 0.73 11.67 21.61
C SER C 360 -0.32 10.58 21.48
N THR C 361 0.05 9.31 21.68
CA THR C 361 -0.89 8.20 21.63
C THR C 361 -0.52 7.24 22.75
N PHE C 362 -1.20 7.41 23.90
CA PHE C 362 -1.04 6.52 25.05
C PHE C 362 -2.29 5.67 25.18
N LYS C 363 -2.31 4.57 24.43
CA LYS C 363 -3.44 3.65 24.47
C LYS C 363 -3.12 2.45 25.36
N CYS C 364 -4.11 2.01 26.11
CA CYS C 364 -3.97 0.86 27.00
C CYS C 364 -5.09 -0.13 26.71
N TYR C 365 -4.73 -1.40 26.52
CA TYR C 365 -5.67 -2.43 26.13
C TYR C 365 -5.73 -3.51 27.20
N GLY C 366 -6.93 -3.93 27.54
CA GLY C 366 -7.13 -4.97 28.53
C GLY C 366 -7.19 -4.51 29.98
N VAL C 367 -6.25 -3.68 30.40
CA VAL C 367 -6.16 -3.22 31.78
C VAL C 367 -6.26 -1.69 31.78
N SER C 368 -7.09 -1.15 32.66
CA SER C 368 -7.23 0.29 32.75
C SER C 368 -5.90 0.92 33.19
N PRO C 369 -5.52 2.06 32.61
CA PRO C 369 -4.21 2.64 32.92
C PRO C 369 -4.08 3.18 34.34
N THR C 370 -5.19 3.50 35.01
CA THR C 370 -5.09 4.12 36.33
C THR C 370 -4.68 3.10 37.39
N LYS C 371 -5.20 1.88 37.31
CA LYS C 371 -4.95 0.85 38.31
C LYS C 371 -3.61 0.13 38.10
N LEU C 372 -2.77 0.61 37.19
CA LEU C 372 -1.50 -0.06 36.94
C LEU C 372 -0.59 -0.01 38.16
N ASN C 373 -0.56 1.12 38.86
CA ASN C 373 0.39 1.28 39.97
C ASN C 373 0.08 0.33 41.11
N ASP C 374 -1.20 0.11 41.41
CA ASP C 374 -1.57 -0.68 42.59
C ASP C 374 -1.11 -2.12 42.46
N LEU C 375 -1.36 -2.75 41.32
CA LEU C 375 -1.04 -4.16 41.15
C LEU C 375 0.37 -4.33 40.57
N CYS C 376 1.04 -5.38 41.03
CA CYS C 376 2.40 -5.70 40.58
C CYS C 376 2.41 -7.08 39.94
N PHE C 377 3.10 -7.19 38.80
CA PHE C 377 3.18 -8.43 38.04
C PHE C 377 4.55 -9.06 38.20
N THR C 378 4.74 -10.19 37.50
CA THR C 378 5.97 -10.95 37.59
C THR C 378 6.98 -10.53 36.52
N ASN C 379 6.63 -10.68 35.25
CA ASN C 379 7.54 -10.41 34.14
C ASN C 379 6.87 -9.48 33.14
N VAL C 380 7.64 -8.49 32.65
CA VAL C 380 7.15 -7.55 31.66
C VAL C 380 8.15 -7.48 30.52
N TYR C 381 7.63 -7.18 29.33
CA TYR C 381 8.43 -7.08 28.12
C TYR C 381 8.20 -5.74 27.45
N ALA C 382 9.26 -5.22 26.84
CA ALA C 382 9.21 -3.93 26.15
C ALA C 382 9.78 -4.08 24.76
N ASP C 383 9.03 -3.67 23.75
CA ASP C 383 9.46 -3.71 22.36
C ASP C 383 9.43 -2.31 21.78
N SER C 384 10.25 -2.06 20.76
CA SER C 384 10.36 -0.73 20.18
C SER C 384 10.42 -0.80 18.66
N PHE C 385 9.75 0.15 18.01
CA PHE C 385 9.82 0.28 16.56
C PHE C 385 9.88 1.76 16.19
N VAL C 386 10.24 2.01 14.92
CA VAL C 386 10.10 3.31 14.28
C VAL C 386 9.15 3.14 13.10
N ILE C 387 7.97 3.75 13.17
CA ILE C 387 6.94 3.54 12.16
C ILE C 387 6.40 4.87 11.68
N ARG C 388 5.75 4.84 10.52
CA ARG C 388 5.22 6.02 9.88
C ARG C 388 4.03 6.58 10.68
N GLY C 389 3.53 7.72 10.22
CA GLY C 389 2.41 8.35 10.91
C GLY C 389 1.11 7.58 10.77
N ASP C 390 0.84 7.05 9.58
CA ASP C 390 -0.43 6.37 9.34
C ASP C 390 -0.53 5.08 10.14
N GLU C 391 0.54 4.29 10.15
CA GLU C 391 0.46 2.92 10.72
C GLU C 391 0.47 2.87 12.26
N VAL C 392 0.41 4.00 12.96
CA VAL C 392 0.35 3.93 14.41
C VAL C 392 -0.94 3.24 14.85
N ARG C 393 -2.03 3.45 14.13
CA ARG C 393 -3.30 2.82 14.49
C ARG C 393 -3.29 1.32 14.26
N GLN C 394 -2.38 0.80 13.43
CA GLN C 394 -2.37 -0.62 13.10
C GLN C 394 -1.77 -1.47 14.21
N ILE C 395 -1.14 -0.88 15.20
CA ILE C 395 -0.56 -1.63 16.31
C ILE C 395 -1.68 -1.80 17.34
N ALA C 396 -2.56 -2.77 17.07
CA ALA C 396 -3.71 -3.05 17.91
C ALA C 396 -4.27 -4.42 17.54
N PRO C 397 -4.88 -5.14 18.48
CA PRO C 397 -5.42 -6.46 18.14
C PRO C 397 -6.53 -6.37 17.11
N GLY C 398 -6.62 -7.40 16.28
CA GLY C 398 -7.66 -7.48 15.27
C GLY C 398 -7.57 -6.43 14.18
N GLN C 399 -6.37 -6.18 13.65
CA GLN C 399 -6.18 -5.23 12.57
C GLN C 399 -5.28 -5.83 11.50
N THR C 400 -5.51 -5.44 10.26
CA THR C 400 -4.78 -5.96 9.11
C THR C 400 -4.16 -4.81 8.33
N GLY C 401 -3.08 -5.11 7.62
CA GLY C 401 -2.42 -4.11 6.80
C GLY C 401 -1.03 -4.57 6.41
N LYS C 402 -0.31 -3.65 5.79
CA LYS C 402 1.03 -3.94 5.29
C LYS C 402 2.07 -4.08 6.39
N ILE C 403 1.75 -3.71 7.62
CA ILE C 403 2.70 -3.73 8.71
C ILE C 403 2.27 -4.66 9.84
N ALA C 404 0.99 -4.63 10.21
CA ALA C 404 0.54 -5.44 11.34
C ALA C 404 0.48 -6.92 11.02
N ASP C 405 0.60 -7.32 9.75
CA ASP C 405 0.46 -8.72 9.38
C ASP C 405 1.75 -9.38 8.91
N TYR C 406 2.72 -8.62 8.40
CA TYR C 406 3.94 -9.20 7.87
C TYR C 406 5.18 -8.84 8.69
N ASN C 407 5.10 -7.88 9.59
CA ASN C 407 6.26 -7.43 10.34
C ASN C 407 6.10 -7.57 11.84
N TYR C 408 4.92 -7.31 12.38
CA TYR C 408 4.69 -7.40 13.82
C TYR C 408 3.19 -7.47 14.06
N LYS C 409 2.74 -8.54 14.71
CA LYS C 409 1.32 -8.76 14.97
C LYS C 409 1.11 -8.99 16.46
N LEU C 410 -0.04 -8.50 16.97
CA LEU C 410 -0.34 -8.67 18.37
C LEU C 410 -1.44 -9.70 18.58
N PRO C 411 -1.35 -10.49 19.68
CA PRO C 411 -2.38 -11.48 19.98
C PRO C 411 -3.74 -10.82 20.25
N ASP C 412 -4.83 -11.50 19.92
CA ASP C 412 -6.16 -10.94 20.09
C ASP C 412 -6.52 -10.71 21.55
N ASP C 413 -5.84 -11.39 22.48
CA ASP C 413 -6.08 -11.23 23.91
C ASP C 413 -5.06 -10.30 24.54
N PHE C 414 -4.66 -9.26 23.82
CA PHE C 414 -3.61 -8.37 24.28
C PHE C 414 -4.00 -7.66 25.56
N THR C 415 -3.06 -7.61 26.51
CA THR C 415 -3.21 -6.90 27.79
C THR C 415 -1.93 -6.11 28.01
N GLY C 416 -1.91 -4.86 27.58
CA GLY C 416 -0.70 -4.08 27.68
C GLY C 416 -0.93 -2.63 27.31
N CYS C 417 0.18 -1.96 26.95
CA CYS C 417 0.14 -0.55 26.59
C CYS C 417 0.92 -0.32 25.32
N VAL C 418 0.52 0.71 24.57
CA VAL C 418 1.16 1.07 23.31
C VAL C 418 1.43 2.57 23.35
N ILE C 419 2.63 2.96 23.77
CA ILE C 419 3.01 4.36 23.81
C ILE C 419 3.61 4.74 22.48
N ALA C 420 3.18 5.88 21.93
CA ALA C 420 3.72 6.32 20.65
C ALA C 420 3.96 7.82 20.71
N TRP C 421 5.17 8.26 20.38
CA TRP C 421 5.44 9.69 20.39
C TRP C 421 6.20 10.12 19.13
N ASN C 422 6.32 11.44 18.97
CA ASN C 422 6.87 12.04 17.76
C ASN C 422 8.38 12.23 17.89
N SER C 423 9.07 11.97 16.80
CA SER C 423 10.53 12.01 16.77
C SER C 423 11.01 12.76 15.53
N ASN C 424 10.45 13.95 15.32
CA ASN C 424 10.83 14.74 14.12
C ASN C 424 12.12 15.53 14.36
N ASN C 425 12.83 15.25 15.46
CA ASN C 425 14.07 15.94 15.76
C ASN C 425 15.27 15.00 15.74
N LEU C 426 15.21 13.87 16.47
CA LEU C 426 16.36 12.98 16.54
C LEU C 426 16.55 12.22 15.24
N ASP C 427 15.47 11.69 14.67
CA ASP C 427 15.55 10.80 13.52
C ASP C 427 15.27 11.51 12.19
N SER C 428 15.05 12.82 12.21
CA SER C 428 14.76 13.56 10.98
C SER C 428 16.08 13.90 10.28
N LYS C 429 16.53 12.95 9.45
CA LYS C 429 17.72 13.17 8.65
C LYS C 429 17.48 14.23 7.59
N VAL C 430 18.54 14.92 7.20
CA VAL C 430 18.49 15.96 6.19
C VAL C 430 18.91 15.35 4.85
N GLY C 431 18.09 15.58 3.82
CA GLY C 431 18.37 15.04 2.51
C GLY C 431 17.92 13.61 2.29
N GLY C 432 17.17 13.03 3.22
CA GLY C 432 16.72 11.66 3.08
C GLY C 432 17.54 10.68 3.88
N ASN C 433 16.88 9.91 4.74
CA ASN C 433 17.59 8.96 5.60
C ASN C 433 17.88 7.66 4.87
N TYR C 434 16.83 6.97 4.41
CA TYR C 434 16.96 5.70 3.71
C TYR C 434 17.75 4.68 4.52
N ASN C 435 17.49 4.64 5.83
CA ASN C 435 18.11 3.65 6.70
C ASN C 435 17.11 2.72 7.37
N TYR C 436 15.85 3.11 7.49
CA TYR C 436 14.81 2.26 8.06
C TYR C 436 14.05 1.58 6.94
N LEU C 437 13.89 0.26 7.06
CA LEU C 437 13.22 -0.52 6.03
C LEU C 437 12.17 -1.43 6.69
N TYR C 438 11.09 -1.65 5.95
CA TYR C 438 10.02 -2.54 6.40
C TYR C 438 9.79 -3.63 5.38
N ARG C 439 9.20 -4.73 5.84
CA ARG C 439 9.04 -5.93 5.03
C ARG C 439 7.81 -5.81 4.14
N LEU C 440 8.00 -6.03 2.85
CA LEU C 440 6.93 -5.89 1.87
C LEU C 440 6.39 -7.23 1.40
N PHE C 441 7.27 -8.10 0.91
CA PHE C 441 6.88 -9.37 0.32
C PHE C 441 7.06 -10.51 1.29
N ARG C 442 6.12 -11.45 1.28
CA ARG C 442 6.22 -12.68 2.06
C ARG C 442 5.32 -13.72 1.41
N LYS C 443 5.12 -14.84 2.10
CA LYS C 443 4.29 -15.92 1.57
C LYS C 443 3.12 -16.29 2.46
N SER C 444 3.15 -15.97 3.74
CA SER C 444 2.06 -16.32 4.65
C SER C 444 2.05 -15.34 5.81
N ASN C 445 0.93 -15.30 6.52
CA ASN C 445 0.78 -14.36 7.62
C ASN C 445 1.72 -14.72 8.76
N LEU C 446 1.68 -13.91 9.81
CA LEU C 446 2.58 -14.02 10.94
C LEU C 446 1.82 -14.40 12.20
N LYS C 447 2.35 -15.39 12.93
CA LYS C 447 1.82 -15.74 14.23
C LYS C 447 2.20 -14.64 15.23
N PRO C 448 1.43 -14.50 16.32
CA PRO C 448 1.74 -13.45 17.29
C PRO C 448 3.15 -13.57 17.83
N PHE C 449 3.82 -12.43 17.97
CA PHE C 449 5.19 -12.33 18.47
C PHE C 449 6.12 -13.22 17.64
N GLU C 450 6.23 -12.91 16.35
CA GLU C 450 7.09 -13.64 15.43
C GLU C 450 8.04 -12.67 14.76
N ARG C 451 9.34 -12.97 14.82
CA ARG C 451 10.36 -12.14 14.23
C ARG C 451 11.18 -12.96 13.23
N ASP C 452 11.49 -12.34 12.09
CA ASP C 452 12.27 -13.04 11.03
C ASP C 452 13.28 -12.06 10.41
N ILE C 453 14.55 -12.16 10.78
CA ILE C 453 15.58 -11.26 10.27
C ILE C 453 16.11 -11.71 8.91
N SER C 454 15.80 -12.92 8.48
CA SER C 454 16.34 -13.45 7.24
C SER C 454 15.90 -12.62 6.06
N THR C 455 16.79 -12.48 5.07
CA THR C 455 16.59 -11.61 3.93
C THR C 455 16.97 -12.31 2.62
N GLU C 456 16.50 -13.55 2.46
CA GLU C 456 16.75 -14.28 1.23
C GLU C 456 15.91 -13.70 0.10
N ILE C 457 16.38 -13.90 -1.13
CA ILE C 457 15.71 -13.33 -2.30
C ILE C 457 14.38 -14.04 -2.52
N TYR C 458 13.32 -13.24 -2.71
CA TYR C 458 11.98 -13.75 -2.91
C TYR C 458 11.73 -13.97 -4.40
N GLN C 459 11.03 -15.06 -4.72
CA GLN C 459 10.76 -15.45 -6.08
C GLN C 459 9.29 -15.21 -6.39
N ALA C 460 8.99 -14.94 -7.67
CA ALA C 460 7.64 -14.63 -8.10
C ALA C 460 7.11 -15.58 -9.16
N GLY C 461 7.86 -16.61 -9.53
CA GLY C 461 7.44 -17.55 -10.56
C GLY C 461 8.13 -18.88 -10.38
N SER C 462 7.76 -19.83 -11.25
CA SER C 462 8.35 -21.16 -11.19
C SER C 462 9.82 -21.18 -11.56
N THR C 463 10.30 -20.17 -12.29
CA THR C 463 11.69 -20.13 -12.71
C THR C 463 12.60 -19.97 -11.50
N PRO C 464 13.64 -20.80 -11.36
CA PRO C 464 14.57 -20.62 -10.24
C PRO C 464 15.26 -19.27 -10.29
N CYS C 465 15.52 -18.72 -9.12
CA CYS C 465 16.13 -17.39 -9.00
C CYS C 465 17.59 -17.42 -8.58
N ASN C 466 18.05 -18.53 -8.00
CA ASN C 466 19.44 -18.80 -7.61
C ASN C 466 20.17 -17.58 -7.08
N GLY C 467 19.46 -16.77 -6.28
CA GLY C 467 20.08 -15.60 -5.66
C GLY C 467 20.58 -14.56 -6.63
N VAL C 468 19.82 -14.28 -7.68
CA VAL C 468 20.17 -13.26 -8.67
C VAL C 468 19.00 -12.31 -8.80
N GLU C 469 19.22 -11.03 -8.50
CA GLU C 469 18.17 -10.03 -8.61
C GLU C 469 17.82 -9.79 -10.08
N GLY C 470 16.54 -9.57 -10.34
CA GLY C 470 16.09 -9.34 -11.70
C GLY C 470 14.58 -9.48 -11.79
N PHE C 471 14.12 -9.71 -13.01
CA PHE C 471 12.69 -9.87 -13.26
C PHE C 471 12.14 -11.03 -12.43
N ASN C 472 11.00 -10.79 -11.77
CA ASN C 472 10.37 -11.78 -10.88
C ASN C 472 11.32 -12.21 -9.78
N CYS C 473 12.19 -11.31 -9.33
CA CYS C 473 13.12 -11.58 -8.24
C CYS C 473 13.36 -10.26 -7.52
N TYR C 474 12.61 -10.02 -6.44
CA TYR C 474 12.61 -8.74 -5.75
C TYR C 474 13.21 -8.89 -4.36
N PHE C 475 13.95 -7.86 -3.95
CA PHE C 475 14.43 -7.80 -2.58
C PHE C 475 13.26 -7.57 -1.63
N PRO C 476 13.09 -8.39 -0.62
CA PRO C 476 11.88 -8.30 0.20
C PRO C 476 11.99 -7.28 1.32
N LEU C 477 12.37 -6.04 1.00
CA LEU C 477 12.42 -4.94 1.95
C LEU C 477 12.19 -3.65 1.18
N GLN C 478 11.72 -2.62 1.88
CA GLN C 478 11.51 -1.30 1.24
C GLN C 478 12.02 -0.24 2.21
N SER C 479 12.52 0.88 1.69
CA SER C 479 13.13 1.90 2.59
C SER C 479 12.19 3.09 2.77
N TYR C 480 11.67 3.29 3.98
CA TYR C 480 10.86 4.50 4.21
C TYR C 480 11.69 5.68 3.70
N GLY C 481 11.04 6.79 3.36
CA GLY C 481 11.80 7.99 2.96
C GLY C 481 11.43 9.05 3.98
N PHE C 482 12.15 9.10 5.10
CA PHE C 482 11.94 10.16 6.11
C PHE C 482 12.76 11.40 5.73
N GLN C 483 12.14 12.57 5.71
CA GLN C 483 12.82 13.83 5.32
C GLN C 483 12.42 14.94 6.30
N PRO C 484 13.06 16.13 6.27
CA PRO C 484 12.77 17.20 7.21
C PRO C 484 11.47 17.97 6.95
N THR C 485 10.96 17.95 5.71
CA THR C 485 9.80 18.76 5.37
C THR C 485 8.56 17.93 5.07
N ASN C 486 8.54 16.66 5.45
CA ASN C 486 7.38 15.81 5.19
C ASN C 486 6.17 16.28 5.98
N GLY C 487 4.99 15.87 5.52
CA GLY C 487 3.77 16.21 6.20
C GLY C 487 3.64 15.49 7.53
N VAL C 488 2.66 15.94 8.32
CA VAL C 488 2.45 15.35 9.64
C VAL C 488 2.11 13.87 9.52
N GLY C 489 1.34 13.50 8.50
CA GLY C 489 0.94 12.12 8.32
C GLY C 489 2.07 11.17 7.99
N TYR C 490 3.22 11.71 7.56
CA TYR C 490 4.31 10.81 7.13
C TYR C 490 5.56 11.01 7.99
N GLN C 491 5.54 11.95 8.93
CA GLN C 491 6.68 12.14 9.80
C GLN C 491 6.88 10.91 10.68
N PRO C 492 8.12 10.59 11.00
CA PRO C 492 8.38 9.37 11.78
C PRO C 492 7.82 9.46 13.20
N TYR C 493 7.45 8.29 13.71
CA TYR C 493 7.01 8.14 15.09
C TYR C 493 7.73 6.96 15.70
N ARG C 494 7.95 7.05 17.01
CA ARG C 494 8.60 5.97 17.74
C ARG C 494 7.58 5.32 18.67
N VAL C 495 7.53 4.00 18.64
CA VAL C 495 6.52 3.23 19.35
C VAL C 495 7.21 2.30 20.34
N VAL C 496 6.76 2.32 21.58
CA VAL C 496 7.18 1.37 22.61
C VAL C 496 5.93 0.64 23.06
N VAL C 497 5.92 -0.68 22.89
CA VAL C 497 4.80 -1.50 23.31
C VAL C 497 5.23 -2.32 24.52
N LEU C 498 4.47 -2.19 25.61
CA LEU C 498 4.73 -2.92 26.84
C LEU C 498 3.70 -4.03 26.98
N SER C 499 4.20 -5.25 27.17
CA SER C 499 3.37 -6.43 27.33
C SER C 499 3.57 -6.99 28.74
N PHE C 500 2.46 -7.27 29.42
CA PHE C 500 2.54 -7.77 30.82
C PHE C 500 2.10 -9.24 30.86
N GLU C 501 2.98 -10.12 31.36
CA GLU C 501 2.65 -11.57 31.42
C GLU C 501 1.48 -11.77 32.39
#